data_5QPU
#
_entry.id   5QPU
#
_cell.length_a   57.982
_cell.length_b   57.982
_cell.length_c   395.142
_cell.angle_alpha   90.000
_cell.angle_beta   90.000
_cell.angle_gamma   120.000
#
_symmetry.space_group_name_H-M   'P 61 2 2'
#
loop_
_entity.id
_entity.type
_entity.pdbx_description
1 polymer 'Farnesyl diphosphate synthase'
2 non-polymer 'SULFATE ION'
3 non-polymer 'ACETATE ION'
4 non-polymer 'ZINC ION'
5 non-polymer N-[(4-phenyloxan-4-yl)methyl]acetamide
6 water water
#
_entity_poly.entity_id   1
_entity_poly.type   'polypeptide(L)'
_entity_poly.pdbx_seq_one_letter_code
;GPMASMERFLSVYDEVQAFLLDQLQSKYEIDPNRARYLRIMMDTTCLGGKYFRGMTVVNVAEGFLAVTQHDEATKERILH
DACVGGWMIEFLQAHYLVEDDIMDGSVMRRGKPCWYRFPGVTTQCAINDGIILKSWTQIMAWHYFADRPFLKDLLCLFQK
VDYATAVGQMYDVTSMCDSNKLDPEVAQPMTTDFAEFTPAIYKRIVKYKTTFYTYLLPLVMGLLVSEAAASVEMNLVERV
AHLIGEYFQVQDDVMDCFTPPEQLGKVGTDIEDAKCSWLAVTFLGKANAAQVAEFKANYGEKDPAKVAVVKRLYSKANLQ
ADFAAYEAEVVREVESLIEQLKVKSPTFAESVAVVWEKTHKRKK
;
_entity_poly.pdbx_strand_id   A
#
loop_
_chem_comp.id
_chem_comp.type
_chem_comp.name
_chem_comp.formula
ACT non-polymer 'ACETATE ION' 'C2 H3 O2 -1'
JHS non-polymer N-[(4-phenyloxan-4-yl)methyl]acetamide 'C14 H19 N O2'
SO4 non-polymer 'SULFATE ION' 'O4 S -2'
ZN non-polymer 'ZINC ION' 'Zn 2'
#
# COMPACT_ATOMS: atom_id res chain seq x y z
N MET A 3 -17.97 13.50 17.75
CA MET A 3 -18.26 12.29 16.84
C MET A 3 -17.02 11.32 16.66
N ALA A 4 -17.24 9.99 16.72
CA ALA A 4 -16.12 9.02 16.57
C ALA A 4 -15.58 9.10 15.09
N SER A 5 -14.28 8.97 15.04
CA SER A 5 -13.48 9.14 13.84
C SER A 5 -13.90 8.23 12.70
N MET A 6 -14.05 6.96 13.01
CA MET A 6 -14.46 6.00 11.98
C MET A 6 -15.84 6.30 11.41
N GLU A 7 -16.82 6.63 12.24
CA GLU A 7 -18.14 6.91 11.69
C GLU A 7 -18.10 8.20 10.86
N ARG A 8 -17.27 9.17 11.28
CA ARG A 8 -17.07 10.36 10.47
C ARG A 8 -16.51 9.97 9.07
N PHE A 9 -15.52 9.14 9.08
CA PHE A 9 -14.84 8.71 7.89
C PHE A 9 -15.77 8.01 6.92
N LEU A 10 -16.51 7.11 7.55
CA LEU A 10 -17.55 6.38 6.74
C LEU A 10 -18.63 7.22 6.17
N SER A 11 -19.12 8.20 7.00
CA SER A 11 -20.10 9.13 6.51
C SER A 11 -19.59 9.93 5.37
N VAL A 12 -18.31 10.32 5.38
CA VAL A 12 -17.76 11.12 4.31
C VAL A 12 -17.68 10.31 2.99
N TYR A 13 -17.40 8.98 3.12
CA TYR A 13 -17.49 8.10 1.93
C TYR A 13 -18.87 8.27 1.26
N ASP A 14 -19.94 8.21 2.06
CA ASP A 14 -21.25 8.33 1.40
C ASP A 14 -21.45 9.69 0.68
N GLU A 15 -20.91 10.74 1.31
CA GLU A 15 -20.98 12.03 0.85
C GLU A 15 -20.22 12.20 -0.52
N VAL A 16 -18.94 11.71 -0.49
CA VAL A 16 -18.11 11.77 -1.70
C VAL A 16 -18.69 10.96 -2.81
N GLN A 17 -19.20 9.78 -2.47
CA GLN A 17 -19.79 8.94 -3.53
C GLN A 17 -20.98 9.65 -4.14
N ALA A 18 -21.86 10.22 -3.33
CA ALA A 18 -22.99 10.96 -3.88
C ALA A 18 -22.56 12.11 -4.73
N PHE A 19 -21.52 12.85 -4.26
CA PHE A 19 -21.00 13.88 -5.08
C PHE A 19 -20.52 13.47 -6.50
N LEU A 20 -19.69 12.41 -6.45
CA LEU A 20 -19.08 11.95 -7.64
C LEU A 20 -20.19 11.47 -8.66
N LEU A 21 -21.12 10.69 -8.13
CA LEU A 21 -22.21 10.14 -9.05
C LEU A 21 -23.15 11.23 -9.46
N ASP A 22 -23.47 12.15 -8.55
CA ASP A 22 -24.33 13.30 -8.97
C ASP A 22 -23.67 14.17 -10.01
N GLN A 23 -22.33 14.43 -9.93
CA GLN A 23 -21.64 15.12 -10.91
C GLN A 23 -21.64 14.42 -12.25
N LEU A 24 -21.48 13.10 -12.21
CA LEU A 24 -21.55 12.34 -13.45
C LEU A 24 -22.87 12.58 -14.16
N GLN A 25 -23.96 12.68 -13.40
CA GLN A 25 -25.31 12.95 -13.97
C GLN A 25 -25.45 14.36 -14.41
N SER A 26 -24.94 15.29 -13.68
CA SER A 26 -25.15 16.67 -14.11
C SER A 26 -24.22 17.21 -15.13
N LYS A 27 -22.99 16.69 -15.24
CA LYS A 27 -21.92 17.25 -16.06
C LYS A 27 -21.40 16.32 -17.14
N TYR A 28 -21.59 15.01 -16.97
CA TYR A 28 -20.96 14.01 -17.86
C TYR A 28 -22.00 13.15 -18.57
N GLU A 29 -23.24 13.56 -18.55
CA GLU A 29 -24.32 12.90 -19.24
C GLU A 29 -24.56 11.42 -18.93
N ILE A 30 -24.22 10.98 -17.71
CA ILE A 30 -24.40 9.57 -17.39
C ILE A 30 -25.82 9.23 -17.24
N ASP A 31 -26.17 8.01 -17.51
CA ASP A 31 -27.49 7.44 -17.33
C ASP A 31 -27.52 6.67 -16.05
N PRO A 32 -28.71 6.37 -15.50
CA PRO A 32 -28.85 5.75 -14.18
C PRO A 32 -28.19 4.36 -14.06
N ASN A 33 -28.26 3.57 -15.10
CA ASN A 33 -27.74 2.20 -15.03
C ASN A 33 -26.15 2.19 -14.95
N ARG A 34 -25.57 3.12 -15.66
CA ARG A 34 -24.09 3.24 -15.62
C ARG A 34 -23.70 3.82 -14.32
N ALA A 35 -24.47 4.83 -13.83
CA ALA A 35 -24.18 5.29 -12.47
C ALA A 35 -24.23 4.23 -11.43
N ARG A 36 -25.23 3.29 -11.53
CA ARG A 36 -25.31 2.21 -10.62
C ARG A 36 -24.05 1.18 -10.72
N TYR A 37 -23.66 0.94 -11.96
CA TYR A 37 -22.48 0.14 -12.21
C TYR A 37 -21.25 0.75 -11.47
N LEU A 38 -21.16 2.05 -11.59
CA LEU A 38 -19.98 2.74 -10.99
C LEU A 38 -20.09 2.78 -9.49
N ARG A 39 -21.31 2.93 -8.99
CA ARG A 39 -21.50 2.83 -7.58
C ARG A 39 -21.09 1.55 -6.95
N ILE A 40 -21.58 0.43 -7.59
CA ILE A 40 -21.18 -0.85 -7.16
C ILE A 40 -19.64 -1.09 -7.28
N MET A 41 -19.09 -0.61 -8.39
CA MET A 41 -17.65 -0.78 -8.57
C MET A 41 -16.87 -0.04 -7.43
N MET A 42 -17.30 1.21 -7.15
CA MET A 42 -16.65 1.98 -6.06
C MET A 42 -16.74 1.23 -4.77
N ASP A 43 -17.94 0.73 -4.44
CA ASP A 43 -18.12 0.04 -3.14
C ASP A 43 -17.31 -1.23 -3.03
N THR A 44 -17.34 -1.98 -4.15
CA THR A 44 -16.65 -3.24 -4.17
C THR A 44 -15.14 -3.13 -4.03
N THR A 45 -14.61 -2.10 -4.69
CA THR A 45 -13.17 -1.88 -4.75
C THR A 45 -12.62 -1.01 -3.64
N CYS A 46 -13.42 -0.15 -2.99
CA CYS A 46 -12.97 0.77 -1.98
C CYS A 46 -13.33 0.39 -0.59
N LEU A 47 -14.38 -0.42 -0.39
CA LEU A 47 -14.86 -0.72 0.93
C LEU A 47 -14.50 -2.16 1.30
N GLY A 48 -14.44 -2.36 2.57
CA GLY A 48 -14.29 -3.74 3.20
C GLY A 48 -12.95 -4.01 3.83
N GLY A 49 -11.99 -3.13 3.68
CA GLY A 49 -10.76 -3.18 4.44
C GLY A 49 -10.87 -2.57 5.81
N LYS A 50 -9.71 -2.36 6.41
CA LYS A 50 -9.63 -1.76 7.74
C LYS A 50 -9.52 -0.19 7.65
N TYR A 51 -9.30 0.30 6.44
CA TYR A 51 -9.12 1.76 6.26
C TYR A 51 -7.95 2.24 7.05
N PHE A 52 -6.94 1.47 7.24
CA PHE A 52 -5.75 1.97 7.86
C PHE A 52 -5.15 3.27 7.26
N ARG A 53 -5.03 3.34 5.98
CA ARG A 53 -4.40 4.42 5.32
C ARG A 53 -5.26 5.67 5.48
N GLY A 54 -6.51 5.61 5.14
CA GLY A 54 -7.37 6.76 5.23
C GLY A 54 -7.50 7.18 6.67
N MET A 55 -7.64 6.31 7.59
CA MET A 55 -7.92 6.71 8.96
C MET A 55 -6.64 7.28 9.56
N THR A 56 -5.45 6.97 9.09
CA THR A 56 -4.23 7.52 9.58
C THR A 56 -4.20 9.06 9.30
N VAL A 57 -4.75 9.52 8.18
CA VAL A 57 -4.84 10.96 7.91
C VAL A 57 -5.73 11.63 9.00
N VAL A 58 -6.84 11.02 9.31
CA VAL A 58 -7.78 11.48 10.33
C VAL A 58 -7.11 11.45 11.65
N ASN A 59 -6.39 10.41 12.03
CA ASN A 59 -5.73 10.33 13.33
C ASN A 59 -4.70 11.39 13.51
N VAL A 60 -3.90 11.64 12.50
CA VAL A 60 -2.85 12.64 12.53
C VAL A 60 -3.56 13.98 12.73
N ALA A 61 -4.58 14.26 11.97
CA ALA A 61 -5.28 15.58 12.11
C ALA A 61 -5.95 15.71 13.53
N GLU A 62 -6.56 14.66 14.07
CA GLU A 62 -7.09 14.69 15.47
C GLU A 62 -6.03 14.96 16.49
N GLY A 63 -4.81 14.47 16.30
CA GLY A 63 -3.69 14.77 17.19
C GLY A 63 -3.40 16.25 17.23
N PHE A 64 -3.33 16.93 16.10
CA PHE A 64 -2.99 18.31 16.11
C PHE A 64 -4.16 19.10 16.60
N LEU A 65 -5.38 18.67 16.44
CA LEU A 65 -6.53 19.44 16.93
C LEU A 65 -6.49 19.54 18.43
N ALA A 66 -5.99 18.55 19.13
CA ALA A 66 -5.85 18.57 20.55
C ALA A 66 -4.91 19.52 21.12
N VAL A 67 -4.03 20.09 20.30
CA VAL A 67 -2.97 20.98 20.82
C VAL A 67 -2.91 22.30 20.07
N THR A 68 -3.97 22.63 19.28
CA THR A 68 -3.97 23.80 18.47
C THR A 68 -5.31 24.49 18.69
N GLN A 69 -5.29 25.81 18.79
CA GLN A 69 -6.48 26.59 18.97
C GLN A 69 -7.21 26.89 17.68
N HIS A 70 -8.49 26.60 17.70
CA HIS A 70 -9.41 26.73 16.58
C HIS A 70 -10.87 26.91 17.00
N ASP A 71 -11.62 27.57 16.17
CA ASP A 71 -13.08 27.66 16.24
C ASP A 71 -13.64 26.29 15.96
N GLU A 72 -14.77 25.92 16.54
CA GLU A 72 -15.38 24.62 16.26
C GLU A 72 -15.56 24.39 14.80
N ALA A 73 -16.01 25.38 14.03
CA ALA A 73 -16.26 25.19 12.63
C ALA A 73 -14.95 24.87 11.92
N THR A 74 -13.85 25.40 12.43
CA THR A 74 -12.55 25.08 11.83
C THR A 74 -12.14 23.61 12.19
N LYS A 75 -12.39 23.13 13.40
CA LYS A 75 -12.09 21.75 13.72
C LYS A 75 -12.92 20.88 12.73
N GLU A 76 -14.18 21.20 12.49
CA GLU A 76 -14.97 20.35 11.59
C GLU A 76 -14.45 20.39 10.18
N ARG A 77 -13.97 21.52 9.66
CA ARG A 77 -13.47 21.60 8.35
C ARG A 77 -12.18 20.75 8.23
N ILE A 78 -11.28 20.88 9.17
CA ILE A 78 -10.03 20.10 9.21
C ILE A 78 -10.38 18.63 9.17
N LEU A 79 -11.28 18.18 10.05
CA LEU A 79 -11.67 16.71 10.13
C LEU A 79 -12.33 16.35 8.84
N HIS A 80 -13.13 17.15 8.21
CA HIS A 80 -13.73 16.82 6.94
C HIS A 80 -12.69 16.72 5.87
N ASP A 81 -11.74 17.66 5.83
CA ASP A 81 -10.63 17.58 4.86
C ASP A 81 -9.79 16.30 5.13
N ALA A 82 -9.54 15.94 6.33
CA ALA A 82 -8.73 14.71 6.61
C ALA A 82 -9.50 13.46 6.11
N CYS A 83 -10.78 13.48 6.22
CA CYS A 83 -11.58 12.33 5.72
C CYS A 83 -11.54 12.33 4.21
N VAL A 84 -11.69 13.44 3.52
CA VAL A 84 -11.63 13.42 2.08
C VAL A 84 -10.22 12.99 1.63
N GLY A 85 -9.17 13.55 2.21
CA GLY A 85 -7.82 13.20 1.89
C GLY A 85 -7.59 11.68 2.13
N GLY A 86 -8.09 11.16 3.21
CA GLY A 86 -8.00 9.72 3.57
C GLY A 86 -8.67 8.92 2.46
N TRP A 87 -9.82 9.33 1.98
CA TRP A 87 -10.46 8.61 0.85
C TRP A 87 -9.72 8.71 -0.41
N MET A 88 -9.07 9.82 -0.68
CA MET A 88 -8.22 9.91 -1.84
C MET A 88 -7.20 8.76 -1.73
N ILE A 89 -6.61 8.53 -0.60
CA ILE A 89 -5.58 7.46 -0.49
C ILE A 89 -6.25 6.10 -0.64
N GLU A 90 -7.40 5.85 -0.06
CA GLU A 90 -8.10 4.59 -0.21
C GLU A 90 -8.45 4.40 -1.66
N PHE A 91 -8.90 5.42 -2.41
CA PHE A 91 -9.25 5.19 -3.78
C PHE A 91 -7.99 4.96 -4.60
N LEU A 92 -6.86 5.56 -4.27
CA LEU A 92 -5.61 5.35 -4.98
C LEU A 92 -5.16 3.90 -4.79
N GLN A 93 -5.32 3.41 -3.61
CA GLN A 93 -5.02 1.98 -3.27
C GLN A 93 -5.98 1.12 -4.09
N ALA A 94 -7.23 1.48 -4.15
CA ALA A 94 -8.17 0.69 -4.97
C ALA A 94 -7.80 0.61 -6.39
N HIS A 95 -7.32 1.65 -7.03
CA HIS A 95 -6.78 1.67 -8.39
C HIS A 95 -5.69 0.65 -8.48
N TYR A 96 -4.69 0.77 -7.63
CA TYR A 96 -3.56 -0.16 -7.76
C TYR A 96 -3.99 -1.60 -7.47
N LEU A 97 -4.93 -1.88 -6.59
CA LEU A 97 -5.31 -3.28 -6.34
C LEU A 97 -6.08 -3.82 -7.52
N VAL A 98 -7.00 -3.09 -8.12
CA VAL A 98 -7.69 -3.55 -9.32
C VAL A 98 -6.67 -3.85 -10.40
N GLU A 99 -5.75 -2.96 -10.71
CA GLU A 99 -4.86 -3.11 -11.86
C GLU A 99 -3.85 -4.21 -11.58
N ASP A 100 -3.30 -4.24 -10.39
CA ASP A 100 -2.39 -5.33 -9.98
C ASP A 100 -3.01 -6.68 -10.15
N ASP A 101 -4.22 -6.80 -9.65
CA ASP A 101 -4.93 -8.08 -9.70
C ASP A 101 -5.02 -8.55 -11.12
N ILE A 102 -5.34 -7.67 -12.07
CA ILE A 102 -5.39 -8.02 -13.46
C ILE A 102 -4.00 -8.33 -13.96
N MET A 103 -3.02 -7.50 -13.63
CA MET A 103 -1.64 -7.75 -14.09
C MET A 103 -1.17 -9.17 -13.73
N ASP A 104 -1.42 -9.56 -12.50
CA ASP A 104 -0.82 -10.77 -11.86
C ASP A 104 -1.73 -11.95 -12.03
N GLY A 105 -2.83 -11.83 -12.69
CA GLY A 105 -3.81 -12.88 -12.82
C GLY A 105 -4.25 -13.42 -11.49
N SER A 106 -4.48 -12.56 -10.51
CA SER A 106 -4.97 -12.95 -9.22
C SER A 106 -6.41 -13.38 -9.24
N VAL A 107 -6.75 -14.21 -8.27
CA VAL A 107 -8.04 -14.85 -8.20
C VAL A 107 -8.96 -14.26 -7.16
N MET A 108 -8.43 -14.11 -5.98
CA MET A 108 -9.12 -13.62 -4.85
C MET A 108 -8.26 -12.52 -4.24
N ARG A 109 -8.99 -11.71 -3.53
CA ARG A 109 -8.32 -10.88 -2.51
C ARG A 109 -9.22 -10.66 -1.30
N ARG A 110 -8.71 -10.90 -0.07
CA ARG A 110 -9.57 -10.77 1.15
C ARG A 110 -10.76 -11.73 1.05
N GLY A 111 -10.58 -12.94 0.52
CA GLY A 111 -11.69 -13.89 0.52
C GLY A 111 -12.76 -13.65 -0.54
N LYS A 112 -12.62 -12.66 -1.45
CA LYS A 112 -13.61 -12.48 -2.51
C LYS A 112 -12.94 -12.36 -3.92
N PRO A 113 -13.69 -12.53 -5.01
CA PRO A 113 -13.04 -12.60 -6.31
C PRO A 113 -12.48 -11.20 -6.58
N CYS A 114 -11.39 -11.21 -7.30
CA CYS A 114 -10.86 -9.90 -7.74
C CYS A 114 -11.90 -9.24 -8.66
N TRP A 115 -11.98 -7.94 -8.74
CA TRP A 115 -13.00 -7.26 -9.46
C TRP A 115 -13.13 -7.72 -10.91
N TYR A 116 -12.01 -7.85 -11.60
CA TYR A 116 -12.02 -8.16 -13.01
C TYR A 116 -12.71 -9.56 -13.27
N ARG A 117 -12.76 -10.32 -12.21
CA ARG A 117 -13.35 -11.71 -12.30
C ARG A 117 -14.80 -11.70 -12.11
N PHE A 118 -15.42 -10.62 -11.66
CA PHE A 118 -16.84 -10.61 -11.58
C PHE A 118 -17.51 -10.88 -12.93
N PRO A 119 -18.60 -11.63 -13.00
CA PRO A 119 -19.05 -12.07 -14.33
C PRO A 119 -19.44 -10.93 -15.30
N GLY A 120 -19.98 -9.83 -14.73
CA GLY A 120 -20.39 -8.68 -15.54
C GLY A 120 -19.40 -7.55 -15.57
N VAL A 121 -18.16 -7.83 -15.22
CA VAL A 121 -17.09 -6.83 -15.25
C VAL A 121 -16.21 -7.12 -16.47
N THR A 122 -15.39 -8.15 -16.35
CA THR A 122 -14.38 -8.57 -17.32
C THR A 122 -13.15 -7.63 -17.36
N THR A 123 -12.03 -8.11 -17.80
CA THR A 123 -10.82 -7.32 -17.87
C THR A 123 -11.02 -6.09 -18.72
N GLN A 124 -11.78 -6.16 -19.81
CA GLN A 124 -11.98 -5.04 -20.67
C GLN A 124 -12.57 -3.89 -19.90
N CYS A 125 -13.51 -4.13 -19.06
CA CYS A 125 -14.05 -3.03 -18.25
C CYS A 125 -13.20 -2.71 -17.05
N ALA A 126 -12.61 -3.71 -16.39
CA ALA A 126 -11.95 -3.51 -15.12
C ALA A 126 -10.70 -2.65 -15.28
N ILE A 127 -9.98 -2.74 -16.35
CA ILE A 127 -8.77 -1.85 -16.53
C ILE A 127 -9.29 -0.43 -16.49
N ASN A 128 -10.37 -0.13 -17.20
CA ASN A 128 -10.83 1.28 -17.22
C ASN A 128 -11.49 1.58 -15.90
N ASP A 129 -12.19 0.73 -15.16
CA ASP A 129 -12.69 1.00 -13.86
C ASP A 129 -11.56 1.41 -12.95
N GLY A 130 -10.40 0.78 -13.07
CA GLY A 130 -9.26 1.16 -12.26
C GLY A 130 -8.76 2.53 -12.59
N ILE A 131 -8.79 2.87 -13.83
CA ILE A 131 -8.43 4.25 -14.33
C ILE A 131 -9.36 5.20 -13.63
N ILE A 132 -10.65 4.95 -13.68
CA ILE A 132 -11.64 5.81 -13.09
C ILE A 132 -11.38 5.99 -11.64
N LEU A 133 -11.06 4.95 -10.86
CA LEU A 133 -10.78 5.07 -9.44
C LEU A 133 -9.75 6.12 -9.13
N LYS A 134 -8.69 6.10 -9.88
CA LYS A 134 -7.64 7.14 -9.69
C LYS A 134 -8.14 8.48 -10.10
N SER A 135 -8.87 8.58 -11.15
CA SER A 135 -9.44 9.85 -11.63
C SER A 135 -10.28 10.46 -10.57
N TRP A 136 -11.03 9.68 -9.88
CA TRP A 136 -11.87 10.16 -8.83
C TRP A 136 -11.07 10.81 -7.75
N THR A 137 -9.81 10.40 -7.46
CA THR A 137 -9.03 11.08 -6.40
C THR A 137 -8.77 12.50 -6.80
N GLN A 138 -8.60 12.80 -8.05
CA GLN A 138 -8.36 14.17 -8.50
C GLN A 138 -9.63 14.98 -8.47
N ILE A 139 -10.76 14.38 -8.84
CA ILE A 139 -12.01 15.12 -8.80
C ILE A 139 -12.29 15.40 -7.38
N MET A 140 -12.13 14.55 -6.39
CA MET A 140 -12.30 14.85 -4.99
C MET A 140 -11.47 16.07 -4.59
N ALA A 141 -10.20 16.05 -4.89
CA ALA A 141 -9.27 17.08 -4.44
C ALA A 141 -9.66 18.44 -5.04
N TRP A 142 -9.96 18.52 -6.30
CA TRP A 142 -10.27 19.83 -6.93
C TRP A 142 -11.60 20.30 -6.42
N HIS A 143 -12.53 19.46 -6.07
CA HIS A 143 -13.81 19.95 -5.52
C HIS A 143 -13.66 20.32 -4.10
N TYR A 144 -13.19 19.48 -3.23
CA TYR A 144 -13.24 19.71 -1.78
C TYR A 144 -12.19 20.70 -1.37
N PHE A 145 -11.08 20.73 -2.08
CA PHE A 145 -9.93 21.56 -1.64
C PHE A 145 -9.60 22.72 -2.51
N ALA A 146 -10.58 23.12 -3.30
CA ALA A 146 -10.44 24.22 -4.28
C ALA A 146 -9.84 25.53 -3.78
N ASP A 147 -10.30 25.88 -2.63
CA ASP A 147 -9.83 27.15 -2.08
C ASP A 147 -8.73 26.97 -1.00
N ARG A 148 -8.24 25.73 -0.75
CA ARG A 148 -7.38 25.51 0.37
C ARG A 148 -5.97 25.92 0.15
N PRO A 149 -5.30 26.42 1.20
CA PRO A 149 -3.92 26.83 1.01
C PRO A 149 -3.01 25.67 0.67
N PHE A 150 -3.41 24.48 1.07
CA PHE A 150 -2.57 23.27 0.90
C PHE A 150 -2.86 22.58 -0.42
N LEU A 151 -3.76 23.07 -1.26
CA LEU A 151 -4.10 22.35 -2.51
C LEU A 151 -2.93 22.03 -3.35
N LYS A 152 -2.07 22.98 -3.64
CA LYS A 152 -0.93 22.73 -4.51
C LYS A 152 0.01 21.66 -3.89
N ASP A 153 0.35 21.83 -2.63
CA ASP A 153 1.23 20.88 -1.94
C ASP A 153 0.66 19.48 -1.95
N LEU A 154 -0.60 19.38 -1.70
CA LEU A 154 -1.30 18.10 -1.60
C LEU A 154 -1.29 17.46 -2.95
N LEU A 155 -1.67 18.16 -3.99
CA LEU A 155 -1.68 17.62 -5.35
C LEU A 155 -0.30 17.18 -5.74
N CYS A 156 0.73 17.95 -5.43
CA CYS A 156 2.10 17.67 -5.88
C CYS A 156 2.59 16.41 -5.11
N LEU A 157 2.36 16.30 -3.83
CA LEU A 157 2.70 15.15 -3.02
C LEU A 157 1.98 13.88 -3.60
N PHE A 158 0.66 14.02 -3.87
CA PHE A 158 -0.11 12.86 -4.28
C PHE A 158 0.47 12.32 -5.59
N GLN A 159 0.79 13.24 -6.49
N GLN A 159 0.85 13.20 -6.52
CA GLN A 159 1.39 13.01 -7.74
CA GLN A 159 1.37 12.78 -7.80
C GLN A 159 2.68 12.17 -7.66
C GLN A 159 2.68 12.02 -7.58
N LYS A 160 3.53 12.56 -6.73
CA LYS A 160 4.88 11.96 -6.55
C LYS A 160 4.66 10.57 -5.95
N VAL A 161 3.80 10.41 -4.97
CA VAL A 161 3.51 9.16 -4.41
C VAL A 161 2.91 8.19 -5.42
N ASP A 162 1.96 8.60 -6.23
CA ASP A 162 1.44 7.78 -7.30
C ASP A 162 2.55 7.32 -8.20
N TYR A 163 3.36 8.21 -8.69
CA TYR A 163 4.42 7.89 -9.53
C TYR A 163 5.41 6.94 -8.87
N ALA A 164 5.79 7.12 -7.62
CA ALA A 164 6.70 6.22 -6.90
C ALA A 164 6.07 4.84 -6.91
N THR A 165 4.78 4.74 -6.71
CA THR A 165 4.09 3.46 -6.58
C THR A 165 4.14 2.78 -7.92
N ALA A 166 3.90 3.45 -9.02
CA ALA A 166 4.01 2.84 -10.33
C ALA A 166 5.40 2.33 -10.63
N VAL A 167 6.37 3.12 -10.28
CA VAL A 167 7.81 2.69 -10.43
C VAL A 167 8.09 1.47 -9.58
N GLY A 168 7.54 1.40 -8.37
CA GLY A 168 7.70 0.24 -7.56
C GLY A 168 7.00 -1.00 -8.11
N GLN A 169 5.87 -0.82 -8.77
CA GLN A 169 5.25 -1.91 -9.51
C GLN A 169 6.18 -2.39 -10.64
N MET A 170 6.87 -1.46 -11.29
CA MET A 170 7.82 -1.81 -12.32
C MET A 170 8.96 -2.66 -11.71
N TYR A 171 9.44 -2.31 -10.51
CA TYR A 171 10.58 -3.05 -9.81
C TYR A 171 10.05 -4.38 -9.38
N ASP A 172 8.80 -4.47 -8.89
CA ASP A 172 8.25 -5.73 -8.46
C ASP A 172 8.03 -6.74 -9.61
N VAL A 173 7.50 -6.34 -10.69
CA VAL A 173 7.08 -7.26 -11.75
C VAL A 173 8.29 -7.75 -12.52
N THR A 174 9.37 -7.02 -12.48
CA THR A 174 10.66 -7.36 -13.09
C THR A 174 11.73 -7.93 -12.12
N SER A 175 11.35 -8.37 -10.93
CA SER A 175 12.26 -8.66 -9.90
C SER A 175 12.86 -10.05 -10.07
N MET A 176 12.22 -10.86 -10.89
CA MET A 176 12.72 -12.24 -11.18
C MET A 176 13.44 -12.32 -12.45
N CYS A 177 13.72 -11.24 -13.13
CA CYS A 177 14.42 -11.20 -14.43
C CYS A 177 15.85 -10.73 -14.17
N ASP A 178 16.82 -11.01 -15.08
CA ASP A 178 18.12 -10.38 -14.95
C ASP A 178 18.06 -9.02 -15.53
N SER A 179 18.48 -8.03 -14.79
CA SER A 179 18.39 -6.65 -15.34
C SER A 179 19.03 -6.46 -16.70
N ASN A 180 20.19 -7.08 -16.92
CA ASN A 180 20.96 -6.79 -18.10
C ASN A 180 20.27 -7.40 -19.28
N LYS A 181 19.36 -8.31 -19.02
CA LYS A 181 18.52 -8.90 -20.10
C LYS A 181 17.15 -8.25 -20.43
N LEU A 182 16.74 -7.22 -19.69
CA LEU A 182 15.46 -6.55 -19.96
C LEU A 182 15.54 -6.04 -21.34
N ASP A 183 14.45 -6.29 -22.10
CA ASP A 183 14.42 -5.96 -23.48
C ASP A 183 13.00 -6.16 -24.02
N PRO A 184 12.33 -5.07 -24.42
CA PRO A 184 10.97 -5.24 -24.94
C PRO A 184 10.87 -6.22 -26.10
N GLU A 185 11.91 -6.34 -26.85
CA GLU A 185 11.93 -7.24 -28.01
C GLU A 185 12.00 -8.72 -27.68
N VAL A 186 12.44 -9.10 -26.52
CA VAL A 186 12.83 -10.48 -26.25
C VAL A 186 12.12 -11.02 -25.03
N ALA A 187 11.46 -12.19 -25.14
CA ALA A 187 10.68 -12.72 -24.07
C ALA A 187 11.59 -13.01 -22.86
N GLN A 188 11.12 -12.68 -21.65
CA GLN A 188 12.06 -12.61 -20.53
C GLN A 188 12.21 -13.88 -19.79
N PRO A 189 13.47 -14.44 -19.74
CA PRO A 189 13.64 -15.63 -18.92
C PRO A 189 13.67 -15.26 -17.40
N MET A 190 13.23 -16.16 -16.56
CA MET A 190 13.48 -16.12 -15.14
C MET A 190 15.01 -16.16 -14.90
N THR A 191 15.49 -15.36 -13.94
CA THR A 191 16.90 -15.49 -13.54
C THR A 191 17.28 -16.93 -13.22
N THR A 192 18.54 -17.26 -13.49
CA THR A 192 19.01 -18.60 -13.00
C THR A 192 19.96 -18.41 -11.89
N ASP A 193 20.69 -17.32 -11.88
CA ASP A 193 21.68 -17.11 -10.78
C ASP A 193 21.12 -16.53 -9.47
N PHE A 194 19.96 -15.85 -9.54
CA PHE A 194 19.41 -15.15 -8.38
C PHE A 194 20.37 -14.09 -7.85
N ALA A 195 21.26 -13.61 -8.64
CA ALA A 195 22.24 -12.59 -8.19
C ALA A 195 21.60 -11.29 -7.73
N GLU A 196 20.40 -11.01 -8.26
CA GLU A 196 19.68 -9.81 -7.86
C GLU A 196 18.72 -10.03 -6.72
N PHE A 197 18.73 -11.20 -6.04
CA PHE A 197 17.91 -11.38 -4.84
C PHE A 197 18.75 -10.97 -3.64
N THR A 198 18.95 -9.66 -3.40
CA THR A 198 19.81 -9.15 -2.38
C THR A 198 18.96 -8.28 -1.44
N PRO A 199 19.47 -7.94 -0.24
CA PRO A 199 18.70 -7.10 0.66
C PRO A 199 18.49 -5.69 0.10
N ALA A 200 19.43 -5.12 -0.61
CA ALA A 200 19.23 -3.74 -1.01
C ALA A 200 18.25 -3.71 -2.19
N ILE A 201 18.24 -4.79 -2.99
CA ILE A 201 17.34 -4.81 -4.14
C ILE A 201 15.92 -5.03 -3.72
N TYR A 202 15.72 -5.97 -2.81
CA TYR A 202 14.51 -6.14 -2.13
C TYR A 202 14.00 -4.85 -1.53
N LYS A 203 14.87 -4.18 -0.80
CA LYS A 203 14.46 -2.97 -0.12
C LYS A 203 13.91 -1.95 -1.11
N ARG A 204 14.52 -1.87 -2.26
CA ARG A 204 14.09 -0.88 -3.31
C ARG A 204 12.71 -1.25 -3.81
N ILE A 205 12.45 -2.53 -4.12
CA ILE A 205 11.16 -2.93 -4.50
C ILE A 205 10.11 -2.53 -3.45
N VAL A 206 10.32 -2.79 -2.18
CA VAL A 206 9.29 -2.58 -1.23
C VAL A 206 9.11 -1.06 -0.93
N LYS A 207 10.23 -0.34 -0.90
CA LYS A 207 10.18 1.07 -0.65
C LYS A 207 9.20 1.75 -1.60
N TYR A 208 9.38 1.48 -2.89
CA TYR A 208 8.56 2.12 -3.95
C TYR A 208 7.21 1.48 -4.13
N LYS A 209 7.07 0.20 -3.99
CA LYS A 209 5.79 -0.35 -4.33
C LYS A 209 4.68 -0.09 -3.31
N THR A 210 5.06 0.01 -2.05
CA THR A 210 4.16 -0.01 -0.93
C THR A 210 4.34 1.21 0.04
N THR A 211 5.54 1.56 0.40
CA THR A 211 5.75 2.39 1.59
C THR A 211 5.30 3.84 1.30
N PHE A 212 5.41 4.32 0.10
CA PHE A 212 5.01 5.72 -0.23
C PHE A 212 3.54 5.87 -0.05
N TYR A 213 2.71 5.00 -0.61
CA TYR A 213 1.26 5.20 -0.51
C TYR A 213 0.64 4.70 0.80
N THR A 214 1.35 3.81 1.50
CA THR A 214 0.71 3.15 2.61
C THR A 214 1.08 3.91 3.93
N TYR A 215 2.31 4.39 4.00
CA TYR A 215 2.78 5.06 5.21
C TYR A 215 3.18 6.52 4.90
N LEU A 216 3.93 6.94 3.94
CA LEU A 216 4.32 8.27 3.80
C LEU A 216 3.09 9.15 3.55
N LEU A 217 2.29 8.83 2.58
CA LEU A 217 1.15 9.62 2.10
C LEU A 217 0.19 9.86 3.24
N PRO A 218 -0.29 8.87 3.98
CA PRO A 218 -1.22 9.19 5.03
C PRO A 218 -0.65 10.14 6.09
N LEU A 219 0.61 9.94 6.46
CA LEU A 219 1.20 10.80 7.50
C LEU A 219 1.30 12.21 6.98
N VAL A 220 1.86 12.45 5.83
CA VAL A 220 2.05 13.71 5.22
C VAL A 220 0.76 14.40 4.88
N MET A 221 -0.26 13.65 4.42
CA MET A 221 -1.54 14.27 4.10
C MET A 221 -2.15 14.79 5.42
N GLY A 222 -1.97 14.09 6.50
CA GLY A 222 -2.44 14.55 7.82
C GLY A 222 -1.77 15.89 8.19
N LEU A 223 -0.52 15.94 7.97
CA LEU A 223 0.23 17.21 8.23
C LEU A 223 -0.33 18.31 7.32
N LEU A 224 -0.58 18.06 6.03
CA LEU A 224 -1.00 19.10 5.10
C LEU A 224 -2.36 19.62 5.41
N VAL A 225 -3.37 18.81 5.74
CA VAL A 225 -4.71 19.26 6.03
C VAL A 225 -4.72 19.99 7.33
N SER A 226 -3.75 19.74 8.21
CA SER A 226 -3.59 20.39 9.48
C SER A 226 -2.76 21.65 9.43
N GLU A 227 -2.20 21.96 8.27
CA GLU A 227 -1.22 23.03 8.11
C GLU A 227 -0.19 22.97 9.20
N ALA A 228 0.40 21.79 9.28
CA ALA A 228 1.32 21.47 10.37
C ALA A 228 2.66 20.95 9.79
N ALA A 229 2.99 21.18 8.55
CA ALA A 229 4.27 20.63 8.10
C ALA A 229 5.44 21.24 8.85
N ALA A 230 5.31 22.46 9.41
CA ALA A 230 6.41 22.95 10.27
C ALA A 230 6.66 22.21 11.60
N SER A 231 5.81 21.30 12.07
CA SER A 231 6.02 20.56 13.24
C SER A 231 6.86 19.32 13.02
N VAL A 232 7.39 19.13 11.80
CA VAL A 232 8.23 17.97 11.52
C VAL A 232 9.40 18.38 10.66
N GLU A 233 10.43 17.53 10.74
CA GLU A 233 11.55 17.49 9.85
C GLU A 233 11.15 16.40 8.79
N MET A 234 10.87 16.85 7.61
CA MET A 234 10.28 15.93 6.65
C MET A 234 11.24 14.75 6.29
N ASN A 235 12.56 14.95 6.32
CA ASN A 235 13.44 13.79 6.15
C ASN A 235 13.22 12.67 7.17
N LEU A 236 12.89 12.98 8.41
CA LEU A 236 12.63 11.99 9.40
C LEU A 236 11.31 11.32 9.16
N VAL A 237 10.33 12.06 8.63
CA VAL A 237 9.03 11.39 8.45
C VAL A 237 9.15 10.40 7.27
N GLU A 238 9.91 10.77 6.27
CA GLU A 238 10.17 9.85 5.17
C GLU A 238 10.93 8.62 5.59
N ARG A 239 11.97 8.82 6.34
CA ARG A 239 12.72 7.69 6.97
C ARG A 239 11.87 6.73 7.76
N VAL A 240 11.03 7.21 8.68
CA VAL A 240 10.22 6.34 9.48
C VAL A 240 9.15 5.63 8.68
N ALA A 241 8.61 6.38 7.71
CA ALA A 241 7.62 5.76 6.80
C ALA A 241 8.19 4.60 6.06
N HIS A 242 9.37 4.77 5.50
CA HIS A 242 9.95 3.67 4.68
C HIS A 242 10.35 2.51 5.58
N LEU A 243 10.74 2.79 6.81
CA LEU A 243 11.12 1.75 7.71
C LEU A 243 9.94 0.91 8.15
N ILE A 244 8.86 1.55 8.61
CA ILE A 244 7.75 0.86 9.04
C ILE A 244 7.13 0.12 7.86
N GLY A 245 7.10 0.74 6.73
CA GLY A 245 6.50 0.09 5.61
C GLY A 245 7.29 -1.08 5.08
N GLU A 246 8.60 -1.04 5.20
CA GLU A 246 9.38 -2.29 4.88
C GLU A 246 9.05 -3.43 5.77
N TYR A 247 8.98 -3.13 7.07
CA TYR A 247 8.54 -4.17 8.05
C TYR A 247 7.21 -4.79 7.70
N PHE A 248 6.24 -3.96 7.34
CA PHE A 248 4.92 -4.40 6.91
C PHE A 248 5.03 -5.46 5.79
N GLN A 249 5.83 -5.12 4.80
CA GLN A 249 5.93 -6.01 3.65
C GLN A 249 6.66 -7.25 3.95
N VAL A 250 7.63 -7.20 4.82
CA VAL A 250 8.32 -8.40 5.24
C VAL A 250 7.27 -9.32 5.86
N GLN A 251 6.43 -8.82 6.77
CA GLN A 251 5.33 -9.62 7.26
C GLN A 251 4.41 -10.18 6.14
N ASP A 252 3.95 -9.35 5.19
CA ASP A 252 3.14 -9.86 4.04
C ASP A 252 3.92 -10.99 3.28
N ASP A 253 5.21 -10.80 3.02
CA ASP A 253 5.99 -11.88 2.36
C ASP A 253 6.02 -13.20 3.16
N VAL A 254 6.19 -13.11 4.45
CA VAL A 254 6.12 -14.32 5.27
C VAL A 254 4.73 -14.97 5.29
N MET A 255 3.68 -14.18 5.41
CA MET A 255 2.30 -14.75 5.36
C MET A 255 1.92 -15.36 3.97
N ASP A 256 2.42 -14.80 2.87
CA ASP A 256 2.14 -15.38 1.54
C ASP A 256 2.52 -16.84 1.42
N CYS A 257 3.66 -17.14 2.02
CA CYS A 257 4.14 -18.54 2.10
C CYS A 257 3.41 -19.32 3.16
N PHE A 258 3.28 -18.75 4.37
CA PHE A 258 3.01 -19.59 5.62
C PHE A 258 1.61 -19.50 6.27
N THR A 259 0.83 -18.47 5.95
CA THR A 259 -0.52 -18.26 6.50
C THR A 259 -1.55 -19.04 5.68
N PRO A 260 -2.33 -19.93 6.36
CA PRO A 260 -3.30 -20.80 5.61
C PRO A 260 -4.26 -19.95 4.76
N PRO A 261 -4.55 -20.40 3.53
CA PRO A 261 -5.31 -19.51 2.60
C PRO A 261 -6.65 -18.93 3.15
N GLU A 262 -7.41 -19.70 3.97
CA GLU A 262 -8.67 -19.16 4.59
C GLU A 262 -8.42 -17.94 5.53
N GLN A 263 -7.31 -17.94 6.31
CA GLN A 263 -6.85 -16.77 7.09
C GLN A 263 -6.22 -15.75 6.19
N LEU A 264 -5.42 -16.19 5.22
CA LEU A 264 -4.78 -15.24 4.30
C LEU A 264 -5.80 -14.47 3.41
N GLY A 265 -6.97 -15.05 3.09
CA GLY A 265 -7.96 -14.45 2.16
C GLY A 265 -7.64 -14.68 0.62
N LYS A 266 -6.65 -15.54 0.37
CA LYS A 266 -6.19 -15.89 -0.97
C LYS A 266 -5.15 -17.03 -0.83
N VAL A 267 -4.89 -17.69 -1.95
CA VAL A 267 -3.83 -18.72 -2.07
C VAL A 267 -2.55 -17.92 -2.44
N GLY A 268 -1.49 -18.03 -1.62
CA GLY A 268 -0.22 -17.31 -1.90
C GLY A 268 0.55 -17.97 -3.06
N THR A 269 1.00 -17.21 -4.06
CA THR A 269 1.80 -17.82 -5.16
C THR A 269 3.20 -17.16 -5.32
N ASP A 270 3.71 -16.49 -4.26
CA ASP A 270 5.05 -15.84 -4.46
C ASP A 270 6.18 -16.80 -4.94
N ILE A 271 6.21 -18.04 -4.43
CA ILE A 271 7.14 -19.04 -4.91
C ILE A 271 6.98 -19.39 -6.38
N GLU A 272 5.76 -19.70 -6.79
CA GLU A 272 5.51 -20.00 -8.22
C GLU A 272 5.79 -18.79 -9.09
N ASP A 273 5.48 -17.59 -8.56
CA ASP A 273 5.70 -16.35 -9.32
C ASP A 273 7.14 -15.87 -9.29
N ALA A 274 7.98 -16.59 -8.52
CA ALA A 274 9.47 -16.34 -8.41
C ALA A 274 9.72 -14.94 -7.84
N LYS A 275 8.83 -14.52 -6.97
CA LYS A 275 8.97 -13.17 -6.45
C LYS A 275 10.28 -13.05 -5.60
N CYS A 276 10.89 -11.87 -5.64
CA CYS A 276 11.91 -11.51 -4.73
C CYS A 276 11.26 -11.21 -3.39
N SER A 277 10.96 -12.23 -2.60
CA SER A 277 10.40 -12.07 -1.27
C SER A 277 11.53 -12.01 -0.19
N TRP A 278 11.13 -11.52 1.00
CA TRP A 278 12.04 -11.53 2.10
C TRP A 278 12.65 -12.95 2.44
N LEU A 279 11.79 -13.94 2.28
CA LEU A 279 12.14 -15.35 2.51
C LEU A 279 13.18 -15.85 1.55
N ALA A 280 12.95 -15.59 0.26
CA ALA A 280 13.94 -15.96 -0.73
C ALA A 280 15.30 -15.29 -0.52
N VAL A 281 15.29 -13.97 -0.29
CA VAL A 281 16.49 -13.23 -0.12
C VAL A 281 17.26 -13.71 1.18
N THR A 282 16.54 -13.82 2.27
CA THR A 282 17.08 -14.20 3.57
C THR A 282 17.63 -15.65 3.52
N PHE A 283 16.87 -16.53 2.83
CA PHE A 283 17.34 -17.89 2.58
C PHE A 283 18.65 -17.93 1.82
N LEU A 284 18.75 -17.19 0.75
CA LEU A 284 19.95 -17.16 -0.05
C LEU A 284 21.10 -16.53 0.63
N GLY A 285 20.82 -15.63 1.56
CA GLY A 285 21.83 -15.02 2.36
C GLY A 285 22.48 -15.95 3.39
N LYS A 286 21.93 -17.13 3.60
CA LYS A 286 22.51 -17.98 4.66
C LYS A 286 22.68 -19.44 4.15
N ALA A 287 22.30 -19.73 2.90
CA ALA A 287 22.36 -21.13 2.38
C ALA A 287 23.75 -21.58 2.00
N ASN A 288 24.01 -22.90 2.11
CA ASN A 288 25.22 -23.48 1.58
C ASN A 288 24.99 -23.85 0.13
N ALA A 289 26.05 -24.35 -0.51
CA ALA A 289 26.08 -24.58 -1.95
C ALA A 289 24.96 -25.53 -2.39
N ALA A 290 24.74 -26.60 -1.62
CA ALA A 290 23.72 -27.59 -1.98
C ALA A 290 22.32 -27.05 -1.79
N GLN A 291 22.10 -26.25 -0.77
CA GLN A 291 20.81 -25.59 -0.53
C GLN A 291 20.47 -24.57 -1.67
N VAL A 292 21.48 -23.83 -2.11
CA VAL A 292 21.34 -22.87 -3.20
C VAL A 292 20.95 -23.63 -4.44
N ALA A 293 21.57 -24.75 -4.67
CA ALA A 293 21.25 -25.57 -5.90
C ALA A 293 19.87 -26.14 -5.87
N GLU A 294 19.41 -26.54 -4.70
CA GLU A 294 18.13 -27.14 -4.58
C GLU A 294 17.08 -26.06 -4.75
N PHE A 295 17.34 -24.93 -4.16
CA PHE A 295 16.44 -23.81 -4.37
C PHE A 295 16.37 -23.43 -5.85
N LYS A 296 17.50 -23.27 -6.52
CA LYS A 296 17.40 -22.92 -8.01
C LYS A 296 16.60 -23.95 -8.82
N ALA A 297 16.74 -25.22 -8.46
CA ALA A 297 16.08 -26.29 -9.20
C ALA A 297 14.58 -26.29 -8.97
N ASN A 298 14.08 -25.58 -7.96
CA ASN A 298 12.70 -25.65 -7.53
C ASN A 298 11.85 -24.33 -7.56
N TYR A 299 12.51 -23.17 -7.48
CA TYR A 299 11.83 -21.89 -7.40
C TYR A 299 11.19 -21.44 -8.73
N GLY A 300 10.04 -20.77 -8.64
CA GLY A 300 9.39 -20.13 -9.80
C GLY A 300 8.71 -21.13 -10.74
N GLU A 301 8.24 -22.25 -10.16
CA GLU A 301 7.63 -23.37 -10.90
C GLU A 301 6.27 -23.57 -10.30
N LYS A 302 5.25 -23.64 -11.15
CA LYS A 302 3.90 -24.00 -10.68
C LYS A 302 3.81 -25.39 -10.02
N ASP A 303 4.61 -26.36 -10.47
CA ASP A 303 4.52 -27.73 -9.95
C ASP A 303 4.46 -27.72 -8.39
N PRO A 304 3.35 -28.22 -7.75
CA PRO A 304 3.25 -28.14 -6.29
C PRO A 304 4.27 -28.92 -5.54
N ALA A 305 4.77 -30.00 -6.15
CA ALA A 305 5.89 -30.74 -5.51
C ALA A 305 7.12 -29.83 -5.35
N LYS A 306 7.39 -29.00 -6.37
CA LYS A 306 8.59 -28.09 -6.33
C LYS A 306 8.35 -26.92 -5.35
N VAL A 307 7.12 -26.38 -5.36
CA VAL A 307 6.75 -25.39 -4.32
C VAL A 307 6.93 -25.98 -2.91
N ALA A 308 6.60 -27.26 -2.71
CA ALA A 308 6.75 -27.88 -1.38
C ALA A 308 8.21 -28.05 -1.02
N VAL A 309 9.10 -28.23 -2.01
CA VAL A 309 10.55 -28.35 -1.73
C VAL A 309 11.08 -26.96 -1.26
N VAL A 310 10.64 -25.89 -1.91
CA VAL A 310 11.06 -24.52 -1.45
C VAL A 310 10.55 -24.27 -0.03
N LYS A 311 9.28 -24.62 0.26
CA LYS A 311 8.69 -24.36 1.66
C LYS A 311 9.45 -25.13 2.69
N ARG A 312 9.78 -26.34 2.28
CA ARG A 312 10.67 -27.21 3.06
C ARG A 312 12.03 -26.61 3.33
N LEU A 313 12.73 -26.12 2.29
CA LEU A 313 14.04 -25.49 2.46
C LEU A 313 13.97 -24.29 3.45
N TYR A 314 12.87 -23.51 3.34
CA TYR A 314 12.73 -22.29 4.14
C TYR A 314 12.49 -22.74 5.58
N SER A 315 11.60 -23.72 5.76
CA SER A 315 11.29 -24.24 7.10
C SER A 315 12.61 -24.67 7.75
N LYS A 316 13.39 -25.48 7.08
CA LYS A 316 14.62 -25.98 7.70
C LYS A 316 15.75 -25.01 7.87
N ALA A 317 15.62 -23.81 7.29
CA ALA A 317 16.69 -22.79 7.34
C ALA A 317 16.63 -21.84 8.56
N ASN A 318 15.57 -21.95 9.36
CA ASN A 318 15.45 -21.20 10.61
C ASN A 318 15.30 -19.68 10.35
N LEU A 319 14.43 -19.39 9.43
CA LEU A 319 14.27 -18.05 8.96
C LEU A 319 13.54 -17.26 10.01
N GLN A 320 12.78 -17.92 10.88
CA GLN A 320 12.22 -17.32 12.14
C GLN A 320 13.22 -16.56 12.99
N ALA A 321 14.44 -17.05 13.05
CA ALA A 321 15.49 -16.42 13.82
C ALA A 321 15.96 -15.13 13.17
N ASP A 322 16.16 -15.19 11.84
CA ASP A 322 16.51 -13.98 11.07
C ASP A 322 15.33 -13.01 11.19
N PHE A 323 14.08 -13.48 11.29
CA PHE A 323 12.91 -12.58 11.38
C PHE A 323 12.86 -11.86 12.73
N ALA A 324 13.01 -12.64 13.81
CA ALA A 324 13.14 -12.05 15.12
C ALA A 324 14.24 -11.04 15.17
N ALA A 325 15.40 -11.31 14.61
CA ALA A 325 16.53 -10.36 14.54
C ALA A 325 16.21 -9.09 13.73
N TYR A 326 15.50 -9.27 12.63
CA TYR A 326 15.09 -8.10 11.82
C TYR A 326 14.14 -7.25 12.63
N GLU A 327 13.18 -7.89 13.25
CA GLU A 327 12.15 -7.32 14.06
C GLU A 327 12.71 -6.51 15.14
N ALA A 328 13.65 -7.10 15.82
CA ALA A 328 14.41 -6.38 16.87
C ALA A 328 15.10 -5.13 16.44
N GLU A 329 15.77 -5.19 15.31
CA GLU A 329 16.45 -4.05 14.76
C GLU A 329 15.45 -2.90 14.27
N VAL A 330 14.35 -3.29 13.64
CA VAL A 330 13.31 -2.31 13.24
C VAL A 330 12.73 -1.66 14.50
N VAL A 331 12.42 -2.47 15.50
CA VAL A 331 11.81 -1.92 16.79
C VAL A 331 12.78 -0.88 17.32
N ARG A 332 14.03 -1.22 17.30
CA ARG A 332 15.08 -0.29 17.68
C ARG A 332 15.19 1.02 16.88
N GLU A 333 15.12 0.93 15.55
CA GLU A 333 15.29 2.08 14.76
C GLU A 333 13.99 2.97 14.71
N VAL A 334 12.86 2.31 14.81
CA VAL A 334 11.55 3.06 14.80
C VAL A 334 11.45 3.85 16.10
N GLU A 335 11.85 3.23 17.21
CA GLU A 335 11.81 3.86 18.52
C GLU A 335 12.73 5.01 18.53
N SER A 336 13.91 4.94 17.87
CA SER A 336 14.85 6.09 17.70
C SER A 336 14.27 7.21 16.89
N LEU A 337 13.60 6.85 15.79
CA LEU A 337 13.00 7.90 14.94
C LEU A 337 11.82 8.56 15.65
N ILE A 338 11.05 7.81 16.38
CA ILE A 338 9.97 8.38 17.22
C ILE A 338 10.55 9.47 18.14
N GLU A 339 11.72 9.19 18.69
CA GLU A 339 12.29 10.11 19.61
C GLU A 339 12.74 11.33 18.97
N GLN A 340 13.39 11.20 17.84
CA GLN A 340 13.81 12.30 17.06
C GLN A 340 12.48 13.15 16.71
N LEU A 341 11.37 12.49 16.40
CA LEU A 341 10.09 13.27 15.98
C LEU A 341 9.51 13.98 17.19
N LYS A 342 9.64 13.36 18.36
CA LYS A 342 9.11 13.95 19.66
C LYS A 342 9.55 15.35 20.01
N VAL A 343 10.72 15.75 19.50
CA VAL A 343 11.35 17.01 19.74
C VAL A 343 10.52 18.10 19.18
N LYS A 344 10.22 18.04 17.89
CA LYS A 344 9.39 19.09 17.20
C LYS A 344 7.93 18.89 17.44
N SER A 345 7.47 17.67 17.66
CA SER A 345 6.06 17.38 17.91
C SER A 345 5.75 16.12 18.58
N PRO A 346 5.44 16.22 19.85
CA PRO A 346 4.92 15.06 20.57
C PRO A 346 3.68 14.36 20.03
N THR A 347 2.72 15.17 19.62
CA THR A 347 1.56 14.67 18.95
C THR A 347 1.90 13.84 17.73
N PHE A 348 2.71 14.42 16.91
CA PHE A 348 3.00 13.73 15.62
C PHE A 348 3.75 12.46 15.93
N ALA A 349 4.70 12.58 16.84
CA ALA A 349 5.44 11.36 17.30
C ALA A 349 4.51 10.31 17.83
N GLU A 350 3.45 10.66 18.61
CA GLU A 350 2.45 9.73 19.07
C GLU A 350 1.65 9.12 17.91
N SER A 351 1.33 9.93 16.87
CA SER A 351 0.63 9.34 15.77
C SER A 351 1.44 8.23 15.05
N VAL A 352 2.73 8.51 14.92
CA VAL A 352 3.74 7.56 14.38
C VAL A 352 3.82 6.33 15.28
N ALA A 353 3.82 6.56 16.58
CA ALA A 353 3.74 5.45 17.51
C ALA A 353 2.55 4.56 17.34
N VAL A 354 1.35 5.14 17.06
CA VAL A 354 0.20 4.38 16.84
C VAL A 354 0.29 3.59 15.55
N VAL A 355 0.72 4.24 14.46
CA VAL A 355 0.99 3.57 13.21
C VAL A 355 1.88 2.40 13.42
N TRP A 356 2.97 2.59 14.17
CA TRP A 356 3.89 1.45 14.46
C TRP A 356 3.19 0.32 15.23
N GLU A 357 2.40 0.65 16.27
CA GLU A 357 1.70 -0.39 17.04
C GLU A 357 0.76 -1.19 16.20
N LYS A 358 -0.05 -0.54 15.35
CA LYS A 358 -0.96 -1.25 14.49
C LYS A 358 -0.25 -2.08 13.47
N THR A 359 0.96 -1.70 13.08
CA THR A 359 1.77 -2.58 12.14
C THR A 359 2.43 -3.83 12.77
N HIS A 360 3.15 -3.53 13.85
CA HIS A 360 3.93 -4.51 14.63
C HIS A 360 3.04 -5.59 15.28
N LYS A 361 1.85 -5.23 15.75
CA LYS A 361 0.88 -6.22 16.33
C LYS A 361 0.21 -7.27 15.37
N ARG A 362 -0.23 -6.85 14.17
CA ARG A 362 -1.28 -7.55 13.36
C ARG A 362 -1.13 -9.07 13.14
S SO4 B . -6.28 -2.19 4.59
O1 SO4 B . -7.20 -3.17 5.36
O2 SO4 B . -6.74 -1.80 3.09
O3 SO4 B . -4.94 -2.61 4.46
O4 SO4 B . -6.62 -1.05 5.67
S SO4 C . -16.84 21.46 -8.75
O1 SO4 C . -17.11 22.92 -8.87
O2 SO4 C . -18.18 20.84 -8.90
O3 SO4 C . -16.01 21.03 -9.81
O4 SO4 C . -16.23 21.12 -7.50
C ACT D . 18.87 6.83 13.11
O ACT D . 17.74 7.28 13.54
OXT ACT D . 19.85 7.60 12.88
CH3 ACT D . 19.12 5.36 12.87
S SO4 E . -0.83 -2.24 8.44
O1 SO4 E . -1.43 -1.44 7.31
O2 SO4 E . -1.58 -3.51 8.52
O3 SO4 E . 0.61 -2.43 8.15
O4 SO4 E . -0.99 -1.48 9.72
ZN ZN F . 1.53 -7.47 -8.24
ZN ZN G . 2.38 -10.31 -0.98
C10 JHS H . 11.82 13.50 -3.45
C13 JHS H . 8.55 10.88 -3.77
C15 JHS H . 7.10 11.42 -1.90
C17 JHS H . 9.43 11.75 -1.69
C01 JHS H . 15.09 8.46 -2.85
C02 JHS H . 13.70 8.77 -2.46
O03 JHS H . 13.37 8.66 -1.30
N04 JHS H . 12.81 9.19 -3.45
C05 JHS H . 11.42 9.55 -3.17
C06 JHS H . 11.11 11.02 -3.55
C07 JHS H . 11.25 11.18 -5.10
C08 JHS H . 11.03 12.64 -5.58
O09 JHS H . 11.83 13.55 -4.89
C11 JHS H . 12.18 12.03 -3.00
C12 JHS H . 9.65 11.25 -3.03
C14 JHS H . 7.29 10.94 -3.22
C16 JHS H . 8.18 11.83 -1.16
#